data_7B8O
#
_entry.id   7B8O
#
_cell.length_a   59.794
_cell.length_b   73.420
_cell.length_c   78.903
_cell.angle_alpha   90.000
_cell.angle_beta   90.000
_cell.angle_gamma   90.000
#
_symmetry.space_group_name_H-M   'P 21 21 21'
#
loop_
_entity.id
_entity.type
_entity.pdbx_description
1 polymer 'Palmitoleoyl-protein carboxylesterase NOTUM'
2 non-polymer 'SULFATE ION'
3 non-polymer 2-acetamido-2-deoxy-beta-D-glucopyranose
4 non-polymer 1,2-ETHANEDIOL
5 non-polymer [(2~{S})-2-methylpiperidin-1-yl]-morpholin-4-yl-methanone
6 water water
#
_entity_poly.entity_id   1
_entity_poly.type   'polypeptide(L)'
_entity_poly.pdbx_seq_one_letter_code
;ETGSAQQLNEDLRLHLLLNTSVTCNDGSPAGYYLKESRGSRRWLLFLEGGWYCFNRENCDSRYDTMRRLMSSRDWPRTRT
GTGILSSQPEENPYWWNANMVFIPYCSSDVWSGASSKSEKNEYAFMGALIIQEVVRELLGRGLSGAKVLLLAGSSAGGTG
VLLNVDRVAEQLEKLGYPAIQVRGLADSGWFLDNKQYRHTDCVDTITCAPTEAIRRGIRYWNGVVPERCRRQFQEGEEWN
CFFGYKVYPTLRSPVFVVQWLFDEAQLTVDNVHLTGQPVQEGLRLYIQNLGRELRHTLKDVPASFAPACLSHEIIIRSHW
TDVQVKGTSLPRALHCWDRSLHDSHKASKTPLKGCPVHLVDSCPWPHCNPSCPTGTKHHHHHH
;
_entity_poly.pdbx_strand_id   A
#
loop_
_chem_comp.id
_chem_comp.type
_chem_comp.name
_chem_comp.formula
EDO non-polymer 1,2-ETHANEDIOL 'C2 H6 O2'
NAG D-saccharide, beta linking 2-acetamido-2-deoxy-beta-D-glucopyranose 'C8 H15 N O6'
SO4 non-polymer 'SULFATE ION' 'O4 S -2'
T1W non-polymer [(2~{S})-2-methylpiperidin-1-yl]-morpholin-4-yl-methanone 'C11 H20 N2 O2'
#
# COMPACT_ATOMS: atom_id res chain seq x y z
N ASP A 11 9.58 -12.20 15.34
CA ASP A 11 10.41 -11.00 15.24
C ASP A 11 11.12 -10.89 13.90
N LEU A 12 10.93 -9.76 13.24
CA LEU A 12 11.67 -9.40 12.04
C LEU A 12 12.83 -8.50 12.49
N ARG A 13 14.02 -8.71 11.91
CA ARG A 13 15.24 -8.03 12.34
C ARG A 13 15.62 -6.92 11.38
N LEU A 14 16.06 -5.77 11.92
CA LEU A 14 16.39 -4.59 11.12
C LEU A 14 17.70 -4.74 10.36
N HIS A 15 17.70 -4.26 9.11
CA HIS A 15 18.91 -4.11 8.30
C HIS A 15 18.87 -2.72 7.67
N LEU A 16 19.88 -1.89 7.93
CA LEU A 16 19.97 -0.58 7.27
C LEU A 16 20.60 -0.75 5.89
N LEU A 17 20.11 0.02 4.91
CA LEU A 17 20.59 -0.15 3.54
C LEU A 17 22.10 0.01 3.46
N LEU A 18 22.74 -0.92 2.76
CA LEU A 18 24.18 -0.86 2.53
C LEU A 18 24.56 0.32 1.65
N ASN A 19 23.68 0.70 0.72
CA ASN A 19 23.87 1.94 -0.05
C ASN A 19 23.32 3.10 0.78
N THR A 20 24.21 3.77 1.52
CA THR A 20 23.80 4.84 2.43
C THR A 20 23.39 6.13 1.72
N SER A 21 23.44 6.18 0.38
CA SER A 21 22.89 7.32 -0.36
CA SER A 21 22.89 7.31 -0.36
C SER A 21 21.40 7.20 -0.63
N VAL A 22 20.77 6.09 -0.25
CA VAL A 22 19.33 5.93 -0.33
C VAL A 22 18.80 6.17 1.07
N THR A 23 18.15 7.32 1.29
CA THR A 23 17.97 7.83 2.64
C THR A 23 16.50 8.14 2.96
N CYS A 24 16.23 8.15 4.26
CA CYS A 24 15.03 8.77 4.82
C CYS A 24 15.08 10.29 4.63
N ASN A 25 13.99 10.97 5.04
CA ASN A 25 13.87 12.42 4.83
C ASN A 25 15.09 13.19 5.32
N ASP A 26 15.64 12.85 6.49
CA ASP A 26 16.70 13.65 7.09
C ASP A 26 18.12 13.23 6.69
N GLY A 27 18.26 12.36 5.69
CA GLY A 27 19.57 11.90 5.26
C GLY A 27 20.10 10.66 5.97
N SER A 28 19.42 10.18 7.00
CA SER A 28 19.80 8.92 7.61
C SER A 28 19.44 7.75 6.69
N PRO A 29 20.11 6.60 6.84
CA PRO A 29 19.85 5.48 5.91
C PRO A 29 18.45 4.92 6.09
N ALA A 30 17.82 4.58 4.96
CA ALA A 30 16.59 3.80 5.01
C ALA A 30 16.92 2.32 5.31
N GLY A 31 15.90 1.47 5.34
CA GLY A 31 16.16 0.08 5.72
C GLY A 31 14.94 -0.81 5.57
N TYR A 32 15.07 -2.02 6.14
CA TYR A 32 13.98 -3.02 6.11
C TYR A 32 14.14 -3.98 7.28
N TYR A 33 13.02 -4.60 7.69
CA TYR A 33 13.00 -5.65 8.71
C TYR A 33 12.71 -6.97 8.01
N LEU A 34 13.46 -8.03 8.36
CA LEU A 34 13.42 -9.31 7.65
C LEU A 34 13.34 -10.49 8.60
N LYS A 35 12.49 -11.46 8.26
CA LYS A 35 12.52 -12.79 8.86
C LYS A 35 12.49 -13.82 7.72
N GLU A 36 13.58 -14.55 7.54
CA GLU A 36 13.66 -15.50 6.44
C GLU A 36 12.99 -16.81 6.82
N SER A 37 12.49 -17.51 5.79
CA SER A 37 11.89 -18.85 5.90
C SER A 37 12.52 -19.66 4.77
N ARG A 38 13.60 -20.38 5.07
CA ARG A 38 14.37 -21.01 4.01
C ARG A 38 13.64 -22.18 3.35
N GLY A 39 12.57 -22.68 3.94
CA GLY A 39 11.79 -23.67 3.23
C GLY A 39 10.75 -23.13 2.27
N SER A 40 10.77 -21.83 1.97
CA SER A 40 9.73 -21.18 1.18
C SER A 40 10.33 -20.36 0.06
N ARG A 41 9.67 -20.38 -1.11
CA ARG A 41 10.02 -19.53 -2.23
C ARG A 41 9.05 -18.36 -2.39
N ARG A 42 8.24 -18.06 -1.37
CA ARG A 42 7.37 -16.90 -1.37
C ARG A 42 7.95 -15.75 -0.54
N TRP A 43 7.82 -14.52 -1.06
CA TRP A 43 8.38 -13.33 -0.40
C TRP A 43 7.32 -12.25 -0.33
N LEU A 44 7.07 -11.72 0.87
CA LEU A 44 6.06 -10.68 1.12
C LEU A 44 6.82 -9.43 1.53
N LEU A 45 6.69 -8.35 0.74
CA LEU A 45 7.32 -7.06 1.05
C LEU A 45 6.20 -6.06 1.35
N PHE A 46 6.08 -5.63 2.60
CA PHE A 46 4.99 -4.77 3.06
C PHE A 46 5.46 -3.31 3.21
N LEU A 47 4.70 -2.38 2.62
CA LEU A 47 4.96 -0.93 2.71
C LEU A 47 4.08 -0.30 3.79
N GLU A 48 4.71 0.25 4.84
CA GLU A 48 4.00 1.00 5.86
C GLU A 48 3.35 2.27 5.29
N GLY A 49 2.28 2.73 5.94
CA GLY A 49 1.66 4.00 5.64
C GLY A 49 1.89 5.07 6.70
N GLY A 50 1.17 6.19 6.54
CA GLY A 50 1.25 7.32 7.48
C GLY A 50 1.24 8.73 6.91
N TRP A 51 0.25 9.02 6.08
CA TRP A 51 0.02 10.34 5.44
C TRP A 51 1.26 10.75 4.64
N TYR A 52 1.66 12.03 4.68
CA TYR A 52 2.76 12.58 3.89
C TYR A 52 2.95 14.05 4.28
N CYS A 53 3.95 14.72 3.72
CA CYS A 53 4.07 16.17 3.91
C CYS A 53 4.40 16.81 2.56
N PHE A 54 3.99 18.07 2.36
CA PHE A 54 4.07 18.63 1.02
C PHE A 54 4.76 19.98 0.86
N ASN A 55 5.31 20.57 1.93
CA ASN A 55 6.10 21.79 1.80
C ASN A 55 7.03 21.88 3.00
N ARG A 56 7.90 22.91 3.02
CA ARG A 56 8.91 23.00 4.07
C ARG A 56 8.28 23.09 5.45
N GLU A 57 7.29 23.97 5.61
CA GLU A 57 6.69 24.21 6.91
C GLU A 57 5.92 22.99 7.42
N ASN A 58 5.19 22.32 6.54
CA ASN A 58 4.45 21.12 6.91
C ASN A 58 5.39 19.96 7.24
N CYS A 59 6.50 19.85 6.51
CA CYS A 59 7.47 18.79 6.81
C CYS A 59 8.23 19.05 8.10
N ASP A 60 8.53 20.33 8.41
CA ASP A 60 9.15 20.66 9.68
C ASP A 60 8.28 20.25 10.87
N SER A 61 6.96 20.49 10.76
N SER A 61 6.96 20.47 10.77
CA SER A 61 6.04 20.08 11.82
CA SER A 61 6.08 20.07 11.86
C SER A 61 6.06 18.57 12.00
C SER A 61 6.07 18.55 12.02
N ARG A 62 6.02 17.82 10.90
CA ARG A 62 6.09 16.37 10.95
C ARG A 62 7.39 15.90 11.59
N TYR A 63 8.51 16.60 11.34
CA TYR A 63 9.79 16.22 11.94
C TYR A 63 9.77 16.38 13.46
N ASP A 64 8.91 17.26 14.00
CA ASP A 64 8.91 17.48 15.44
C ASP A 64 8.17 16.37 16.18
N THR A 65 7.06 15.89 15.62
CA THR A 65 6.19 14.98 16.36
C THR A 65 5.91 13.65 15.66
N MET A 66 6.50 13.39 14.49
CA MET A 66 6.35 12.12 13.78
C MET A 66 7.69 11.73 13.16
N ARG A 67 8.76 11.85 13.96
CA ARG A 67 10.12 11.75 13.43
C ARG A 67 10.48 10.33 12.97
N ARG A 68 9.89 9.28 13.55
CA ARG A 68 10.17 7.92 13.06
C ARG A 68 9.70 7.72 11.62
N LEU A 69 8.77 8.56 11.15
CA LEU A 69 8.33 8.56 9.76
C LEU A 69 9.18 9.48 8.87
N MET A 70 10.29 10.01 9.41
CA MET A 70 11.21 10.87 8.68
C MET A 70 12.69 10.53 8.86
N SER A 71 13.02 9.47 9.61
CA SER A 71 14.38 9.24 10.08
C SER A 71 14.50 7.82 10.63
N SER A 72 15.69 7.21 10.50
CA SER A 72 15.95 5.89 11.08
C SER A 72 16.75 5.94 12.37
N ARG A 73 17.07 7.14 12.87
CA ARG A 73 17.99 7.23 14.00
C ARG A 73 17.44 6.58 15.26
N ASP A 74 16.12 6.50 15.42
CA ASP A 74 15.50 5.95 16.62
C ASP A 74 14.77 4.62 16.37
N TRP A 75 15.00 3.95 15.24
CA TRP A 75 14.28 2.71 14.97
C TRP A 75 14.73 1.59 15.90
N PRO A 76 13.83 0.71 16.33
CA PRO A 76 14.22 -0.44 17.14
C PRO A 76 14.84 -1.54 16.31
N ARG A 77 15.60 -2.42 16.99
CA ARG A 77 16.31 -3.47 16.27
C ARG A 77 15.39 -4.59 15.78
N THR A 78 14.20 -4.74 16.36
CA THR A 78 13.28 -5.79 15.92
C THR A 78 11.87 -5.23 15.84
N ARG A 79 11.01 -6.00 15.20
CA ARG A 79 9.59 -5.71 15.07
C ARG A 79 8.82 -7.02 15.03
N THR A 80 7.67 -7.05 15.69
CA THR A 80 6.82 -8.24 15.68
C THR A 80 5.96 -8.27 14.41
N GLY A 81 5.98 -9.41 13.72
CA GLY A 81 5.11 -9.58 12.55
C GLY A 81 3.70 -9.93 12.97
N THR A 82 2.72 -9.19 12.44
CA THR A 82 1.32 -9.35 12.80
C THR A 82 0.47 -9.44 11.54
N GLY A 83 -0.68 -10.10 11.67
CA GLY A 83 -1.57 -10.23 10.52
C GLY A 83 -0.92 -11.07 9.45
N ILE A 84 -0.94 -10.56 8.21
CA ILE A 84 -0.32 -11.21 7.05
C ILE A 84 1.19 -11.35 7.22
N LEU A 85 1.80 -10.56 8.12
CA LEU A 85 3.22 -10.72 8.43
C LEU A 85 3.49 -11.71 9.58
N SER A 86 2.47 -12.35 10.13
CA SER A 86 2.70 -13.31 11.20
C SER A 86 3.10 -14.67 10.64
N SER A 87 3.98 -15.37 11.36
CA SER A 87 4.44 -16.71 11.00
C SER A 87 3.62 -17.82 11.65
N GLN A 88 2.54 -17.48 12.37
CA GLN A 88 1.72 -18.46 13.09
C GLN A 88 0.52 -18.81 12.23
N PRO A 89 0.25 -20.10 11.95
CA PRO A 89 -0.88 -20.43 11.06
C PRO A 89 -2.23 -19.97 11.57
N GLU A 90 -2.43 -19.99 12.88
CA GLU A 90 -3.69 -19.53 13.47
C GLU A 90 -3.93 -18.05 13.20
N GLU A 91 -2.86 -17.23 13.22
CA GLU A 91 -3.01 -15.81 12.95
C GLU A 91 -3.00 -15.48 11.46
N ASN A 92 -2.30 -16.27 10.63
CA ASN A 92 -2.10 -16.00 9.21
C ASN A 92 -2.35 -17.28 8.41
N PRO A 93 -3.63 -17.60 8.14
CA PRO A 93 -3.93 -18.80 7.33
C PRO A 93 -3.39 -18.72 5.90
N TYR A 94 -3.14 -17.52 5.39
CA TYR A 94 -2.77 -17.34 3.99
C TYR A 94 -1.30 -17.69 3.73
N TRP A 95 -0.37 -16.95 4.33
CA TRP A 95 1.06 -17.03 3.95
C TRP A 95 1.98 -17.20 5.17
N TRP A 96 1.58 -17.98 6.17
CA TRP A 96 2.35 -18.06 7.41
C TRP A 96 3.79 -18.55 7.21
N ASN A 97 4.07 -19.32 6.16
CA ASN A 97 5.41 -19.86 5.94
C ASN A 97 6.30 -19.02 5.02
N ALA A 98 5.85 -17.84 4.59
CA ALA A 98 6.62 -17.02 3.65
C ALA A 98 7.79 -16.31 4.34
N ASN A 99 8.75 -15.86 3.53
CA ASN A 99 9.75 -14.88 3.96
C ASN A 99 9.08 -13.52 4.13
N MET A 100 9.27 -12.89 5.30
CA MET A 100 8.54 -11.66 5.67
C MET A 100 9.46 -10.44 5.69
N VAL A 101 9.01 -9.36 5.03
CA VAL A 101 9.74 -8.09 4.99
C VAL A 101 8.78 -6.94 5.29
N PHE A 102 9.16 -6.09 6.26
CA PHE A 102 8.46 -4.84 6.58
C PHE A 102 9.38 -3.67 6.23
N ILE A 103 8.94 -2.81 5.32
CA ILE A 103 9.73 -1.67 4.88
C ILE A 103 9.17 -0.40 5.54
N PRO A 104 9.87 0.18 6.51
CA PRO A 104 9.37 1.41 7.16
C PRO A 104 9.22 2.56 6.18
N TYR A 105 8.19 3.36 6.41
CA TYR A 105 7.87 4.54 5.60
C TYR A 105 8.59 5.73 6.25
N CYS A 106 9.69 6.18 5.64
CA CYS A 106 10.46 7.31 6.18
C CYS A 106 10.73 8.40 5.14
N SER A 107 9.93 8.46 4.06
CA SER A 107 10.09 9.40 2.96
C SER A 107 8.93 10.37 2.75
N SER A 108 7.78 10.18 3.41
CA SER A 108 6.73 11.20 3.49
C SER A 108 6.21 11.62 2.11
N ASP A 109 6.27 10.70 1.12
CA ASP A 109 6.04 11.01 -0.29
C ASP A 109 5.12 9.99 -0.98
N VAL A 110 4.34 9.23 -0.22
CA VAL A 110 3.42 8.18 -0.68
C VAL A 110 4.24 7.20 -1.55
N TRP A 111 5.51 7.02 -1.23
CA TRP A 111 6.39 6.06 -1.91
C TRP A 111 6.70 6.43 -3.36
N SER A 112 6.63 7.73 -3.70
CA SER A 112 6.76 8.22 -5.07
C SER A 112 8.06 8.96 -5.37
N GLY A 113 8.83 9.33 -4.36
CA GLY A 113 9.87 10.32 -4.56
C GLY A 113 11.16 9.76 -5.13
N ALA A 114 11.90 10.65 -5.80
CA ALA A 114 13.22 10.35 -6.32
C ALA A 114 14.09 11.61 -6.29
N SER A 115 14.26 12.18 -5.10
N SER A 115 14.24 12.22 -5.11
CA SER A 115 14.98 13.44 -4.92
CA SER A 115 15.05 13.43 -4.99
C SER A 115 15.88 13.34 -3.69
C SER A 115 15.88 13.36 -3.72
N SER A 116 17.16 13.68 -3.83
CA SER A 116 18.11 13.64 -2.72
C SER A 116 18.16 14.98 -2.00
N LYS A 117 18.59 14.93 -0.73
CA LYS A 117 18.91 16.14 0.00
C LYS A 117 20.12 16.81 -0.63
N SER A 118 20.12 18.14 -0.65
CA SER A 118 21.16 18.90 -1.34
C SER A 118 21.20 20.31 -0.77
N GLU A 119 22.06 21.15 -1.34
CA GLU A 119 22.09 22.54 -0.89
C GLU A 119 20.79 23.27 -1.22
N LYS A 120 19.98 22.73 -2.12
CA LYS A 120 18.70 23.32 -2.49
C LYS A 120 17.50 22.63 -1.86
N ASN A 121 17.70 21.47 -1.22
CA ASN A 121 16.60 20.66 -0.68
C ASN A 121 16.91 20.33 0.79
N GLU A 122 16.10 20.87 1.71
CA GLU A 122 16.23 20.52 3.13
C GLU A 122 16.03 19.02 3.38
N TYR A 123 15.10 18.39 2.67
CA TYR A 123 14.79 16.98 2.88
C TYR A 123 14.99 16.19 1.60
N ALA A 124 15.22 14.88 1.78
CA ALA A 124 15.26 13.89 0.70
C ALA A 124 13.92 13.18 0.62
N PHE A 125 13.41 12.99 -0.61
CA PHE A 125 12.17 12.27 -0.84
C PHE A 125 12.49 11.11 -1.81
N MET A 126 12.78 9.93 -1.26
CA MET A 126 13.34 8.85 -2.05
C MET A 126 12.52 7.54 -2.03
N GLY A 127 11.21 7.62 -1.76
CA GLY A 127 10.40 6.40 -1.60
C GLY A 127 10.51 5.39 -2.73
N ALA A 128 10.43 5.86 -3.98
CA ALA A 128 10.53 4.94 -5.12
C ALA A 128 11.89 4.26 -5.17
N LEU A 129 12.96 5.00 -4.85
CA LEU A 129 14.31 4.42 -4.84
C LEU A 129 14.54 3.50 -3.64
N ILE A 130 13.89 3.77 -2.51
CA ILE A 130 14.00 2.87 -1.36
C ILE A 130 13.48 1.47 -1.71
N ILE A 131 12.30 1.41 -2.34
CA ILE A 131 11.76 0.11 -2.76
C ILE A 131 12.74 -0.61 -3.67
N GLN A 132 13.29 0.10 -4.66
CA GLN A 132 14.21 -0.53 -5.61
C GLN A 132 15.45 -1.06 -4.92
N GLU A 133 15.98 -0.30 -3.94
CA GLU A 133 17.20 -0.72 -3.26
C GLU A 133 16.98 -1.89 -2.31
N VAL A 134 15.82 -1.93 -1.64
CA VAL A 134 15.50 -3.08 -0.80
C VAL A 134 15.45 -4.35 -1.65
N VAL A 135 14.77 -4.28 -2.80
CA VAL A 135 14.71 -5.43 -3.70
C VAL A 135 16.11 -5.89 -4.10
N ARG A 136 16.97 -4.93 -4.48
CA ARG A 136 18.32 -5.28 -4.93
C ARG A 136 19.11 -5.98 -3.84
N GLU A 137 19.04 -5.48 -2.61
CA GLU A 137 19.82 -6.07 -1.52
C GLU A 137 19.23 -7.40 -1.05
N LEU A 138 17.92 -7.60 -1.20
CA LEU A 138 17.33 -8.89 -0.83
C LEU A 138 17.73 -10.02 -1.79
N LEU A 139 18.03 -9.70 -3.05
CA LEU A 139 18.38 -10.75 -3.99
C LEU A 139 19.58 -11.57 -3.50
N GLY A 140 20.51 -10.94 -2.80
CA GLY A 140 21.64 -11.66 -2.23
C GLY A 140 21.31 -12.48 -1.00
N ARG A 141 20.15 -12.26 -0.39
CA ARG A 141 19.73 -12.95 0.82
C ARG A 141 18.65 -14.01 0.57
N GLY A 142 18.45 -14.41 -0.68
CA GLY A 142 17.52 -15.48 -0.99
C GLY A 142 16.41 -15.11 -1.96
N LEU A 143 16.15 -13.82 -2.18
CA LEU A 143 15.09 -13.44 -3.12
C LEU A 143 15.40 -13.92 -4.54
N SER A 144 16.66 -14.18 -4.86
CA SER A 144 17.01 -14.70 -6.19
C SER A 144 16.34 -16.03 -6.50
N GLY A 145 15.97 -16.81 -5.50
CA GLY A 145 15.30 -18.07 -5.71
C GLY A 145 13.79 -18.04 -5.59
N ALA A 146 13.19 -16.85 -5.51
CA ALA A 146 11.76 -16.74 -5.27
C ALA A 146 10.97 -17.21 -6.48
N LYS A 147 9.75 -17.64 -6.23
CA LYS A 147 8.80 -17.84 -7.31
C LYS A 147 7.70 -16.78 -7.33
N VAL A 148 7.38 -16.17 -6.18
CA VAL A 148 6.40 -15.09 -6.08
C VAL A 148 6.94 -13.99 -5.16
N LEU A 149 6.91 -12.74 -5.64
CA LEU A 149 7.15 -11.55 -4.83
C LEU A 149 5.82 -10.79 -4.73
N LEU A 150 5.23 -10.75 -3.53
CA LEU A 150 3.99 -10.01 -3.30
C LEU A 150 4.33 -8.69 -2.64
N LEU A 151 4.12 -7.59 -3.36
CA LEU A 151 4.32 -6.24 -2.82
C LEU A 151 3.00 -5.79 -2.22
N ALA A 152 2.93 -5.63 -0.90
CA ALA A 152 1.72 -5.25 -0.20
C ALA A 152 1.91 -3.94 0.54
N GLY A 153 0.81 -3.35 1.04
CA GLY A 153 0.90 -2.08 1.76
C GLY A 153 -0.45 -1.59 2.23
N SER A 154 -0.46 -0.75 3.30
CA SER A 154 -1.70 -0.21 3.87
C SER A 154 -1.70 1.32 3.80
N SER A 155 -2.85 1.88 3.41
CA SER A 155 -3.15 3.32 3.32
C SER A 155 -2.13 3.97 2.37
N ALA A 156 -1.27 4.90 2.82
CA ALA A 156 -0.24 5.43 1.91
C ALA A 156 0.60 4.31 1.30
N GLY A 157 0.82 3.23 2.05
CA GLY A 157 1.53 2.08 1.49
C GLY A 157 0.72 1.33 0.44
N GLY A 158 -0.61 1.31 0.59
CA GLY A 158 -1.44 0.72 -0.44
C GLY A 158 -1.40 1.50 -1.75
N THR A 159 -1.50 2.84 -1.65
CA THR A 159 -1.28 3.64 -2.86
C THR A 159 0.14 3.41 -3.41
N GLY A 160 1.13 3.28 -2.52
CA GLY A 160 2.49 2.98 -2.96
C GLY A 160 2.63 1.68 -3.76
N VAL A 161 1.83 0.65 -3.42
CA VAL A 161 1.81 -0.58 -4.23
C VAL A 161 1.39 -0.26 -5.66
N LEU A 162 0.29 0.49 -5.81
CA LEU A 162 -0.19 0.81 -7.16
C LEU A 162 0.84 1.60 -7.95
N LEU A 163 1.58 2.49 -7.29
CA LEU A 163 2.56 3.31 -7.99
C LEU A 163 3.85 2.54 -8.34
N ASN A 164 4.15 1.42 -7.65
CA ASN A 164 5.47 0.82 -7.75
C ASN A 164 5.50 -0.64 -8.23
N VAL A 165 4.37 -1.36 -8.24
CA VAL A 165 4.42 -2.81 -8.52
C VAL A 165 5.00 -3.10 -9.92
N ASP A 166 4.61 -2.33 -10.95
CA ASP A 166 5.15 -2.58 -12.29
C ASP A 166 6.62 -2.19 -12.40
N ARG A 167 7.09 -1.23 -11.59
CA ARG A 167 8.50 -0.89 -11.67
C ARG A 167 9.35 -1.99 -11.06
N VAL A 168 8.85 -2.66 -10.01
CA VAL A 168 9.58 -3.78 -9.43
C VAL A 168 9.66 -4.92 -10.44
N ALA A 169 8.55 -5.19 -11.14
CA ALA A 169 8.55 -6.24 -12.16
C ALA A 169 9.57 -5.93 -13.24
N GLU A 170 9.60 -4.69 -13.72
CA GLU A 170 10.58 -4.28 -14.74
C GLU A 170 12.01 -4.39 -14.22
N GLN A 171 12.24 -4.00 -12.97
CA GLN A 171 13.56 -4.12 -12.35
C GLN A 171 14.06 -5.56 -12.36
N LEU A 172 13.20 -6.50 -11.95
CA LEU A 172 13.64 -7.89 -11.87
C LEU A 172 13.87 -8.47 -13.26
N GLU A 173 13.03 -8.12 -14.23
CA GLU A 173 13.24 -8.61 -15.59
C GLU A 173 14.57 -8.12 -16.14
N LYS A 174 14.89 -6.84 -15.93
CA LYS A 174 16.11 -6.27 -16.50
C LYS A 174 17.36 -6.81 -15.82
N LEU A 175 17.28 -7.16 -14.53
CA LEU A 175 18.38 -7.78 -13.84
C LEU A 175 18.57 -9.25 -14.17
N GLY A 176 17.66 -9.85 -14.93
CA GLY A 176 17.82 -11.22 -15.35
C GLY A 176 17.12 -12.26 -14.51
N TYR A 177 16.01 -11.91 -13.86
CA TYR A 177 15.20 -12.82 -13.05
C TYR A 177 13.79 -12.89 -13.62
N PRO A 178 13.63 -13.48 -14.82
CA PRO A 178 12.29 -13.51 -15.44
C PRO A 178 11.33 -14.47 -14.77
N ALA A 179 11.79 -15.38 -13.91
CA ALA A 179 10.92 -16.37 -13.31
C ALA A 179 10.19 -15.89 -12.06
N ILE A 180 10.60 -14.78 -11.47
CA ILE A 180 9.93 -14.28 -10.27
C ILE A 180 8.65 -13.57 -10.68
N GLN A 181 7.49 -14.09 -10.25
CA GLN A 181 6.21 -13.45 -10.54
C GLN A 181 5.93 -12.35 -9.52
N VAL A 182 5.86 -11.11 -9.97
CA VAL A 182 5.62 -9.95 -9.10
C VAL A 182 4.11 -9.65 -9.09
N ARG A 183 3.53 -9.47 -7.91
CA ARG A 183 2.09 -9.20 -7.75
C ARG A 183 1.93 -8.12 -6.69
N GLY A 184 0.76 -7.49 -6.64
CA GLY A 184 0.49 -6.44 -5.65
C GLY A 184 -0.75 -6.69 -4.82
N LEU A 185 -0.73 -6.16 -3.58
CA LEU A 185 -1.86 -6.25 -2.65
C LEU A 185 -2.01 -4.87 -2.02
N ALA A 186 -3.01 -4.10 -2.46
CA ALA A 186 -3.22 -2.72 -2.01
C ALA A 186 -4.37 -2.65 -1.03
N ASP A 187 -4.07 -2.34 0.24
CA ASP A 187 -5.03 -2.29 1.36
C ASP A 187 -5.31 -0.82 1.73
N SER A 188 -6.56 -0.38 1.60
CA SER A 188 -6.96 0.97 2.03
C SER A 188 -6.20 2.07 1.29
N GLY A 189 -5.82 1.82 0.04
CA GLY A 189 -5.16 2.83 -0.75
C GLY A 189 -5.93 3.23 -2.00
N TRP A 190 -7.24 2.94 -2.06
CA TRP A 190 -8.09 3.18 -3.23
C TRP A 190 -9.09 4.29 -2.89
N PHE A 191 -8.77 5.53 -3.27
CA PHE A 191 -9.52 6.72 -2.89
C PHE A 191 -10.28 7.31 -4.08
N LEU A 192 -11.29 8.13 -3.75
CA LEU A 192 -12.07 8.88 -4.72
C LEU A 192 -11.75 10.37 -4.61
N ASP A 193 -11.57 11.01 -5.77
CA ASP A 193 -11.40 12.47 -5.83
C ASP A 193 -12.77 13.15 -5.93
N ASN A 194 -13.59 12.94 -4.89
CA ASN A 194 -14.99 13.39 -4.88
C ASN A 194 -15.11 14.77 -4.25
N LYS A 195 -16.32 15.32 -4.30
CA LYS A 195 -16.55 16.55 -3.56
C LYS A 195 -16.78 16.30 -2.07
N GLN A 196 -16.29 17.24 -1.28
CA GLN A 196 -16.39 17.14 0.17
C GLN A 196 -17.82 17.40 0.63
N TYR A 197 -18.15 16.84 1.79
CA TYR A 197 -19.45 17.10 2.39
C TYR A 197 -19.57 18.55 2.83
N ARG A 198 -18.53 19.10 3.44
CA ARG A 198 -18.41 20.54 3.69
C ARG A 198 -17.04 21.03 3.20
N PRO A 210 -7.64 18.93 -1.02
CA PRO A 210 -7.15 17.55 -1.00
C PRO A 210 -6.26 17.22 -2.19
N THR A 211 -6.82 17.26 -3.41
CA THR A 211 -6.02 16.97 -4.59
C THR A 211 -4.93 18.02 -4.79
N GLU A 212 -5.17 19.26 -4.33
CA GLU A 212 -4.15 20.29 -4.46
C GLU A 212 -2.91 19.95 -3.63
N ALA A 213 -3.10 19.35 -2.46
CA ALA A 213 -1.95 18.97 -1.62
C ALA A 213 -1.10 17.91 -2.32
N ILE A 214 -1.74 16.99 -3.03
CA ILE A 214 -0.98 15.96 -3.73
C ILE A 214 -0.26 16.58 -4.93
N ARG A 215 -0.93 17.50 -5.65
CA ARG A 215 -0.29 18.16 -6.78
C ARG A 215 0.96 18.91 -6.34
N ARG A 216 0.86 19.65 -5.23
CA ARG A 216 2.03 20.37 -4.73
C ARG A 216 3.11 19.40 -4.24
N GLY A 217 2.69 18.33 -3.58
CA GLY A 217 3.63 17.32 -3.12
C GLY A 217 4.45 16.73 -4.26
N ILE A 218 3.79 16.36 -5.36
CA ILE A 218 4.52 15.74 -6.48
C ILE A 218 5.66 16.63 -6.96
N ARG A 219 5.44 17.95 -7.05
CA ARG A 219 6.51 18.84 -7.47
C ARG A 219 7.59 18.97 -6.41
N TYR A 220 7.19 19.00 -5.13
CA TYR A 220 8.17 19.12 -4.04
C TYR A 220 9.05 17.89 -3.93
N TRP A 221 8.52 16.71 -4.26
CA TRP A 221 9.22 15.45 -4.08
C TRP A 221 9.96 14.98 -5.32
N ASN A 222 9.78 15.63 -6.46
CA ASN A 222 10.11 15.04 -7.76
C ASN A 222 9.44 13.66 -7.91
N GLY A 223 8.15 13.61 -7.59
CA GLY A 223 7.45 12.32 -7.55
C GLY A 223 7.29 11.71 -8.92
N VAL A 224 7.28 10.37 -8.96
CA VAL A 224 7.19 9.62 -10.21
C VAL A 224 5.98 8.69 -10.17
N VAL A 225 5.34 8.52 -11.32
CA VAL A 225 4.14 7.67 -11.43
C VAL A 225 4.40 6.66 -12.55
N PRO A 226 3.58 5.59 -12.63
CA PRO A 226 3.80 4.57 -13.67
C PRO A 226 3.70 5.14 -15.08
N GLU A 227 4.52 4.58 -15.98
CA GLU A 227 4.72 5.16 -17.32
C GLU A 227 3.45 5.23 -18.16
N ARG A 228 2.67 4.14 -18.22
CA ARG A 228 1.47 4.16 -19.06
C ARG A 228 0.47 5.19 -18.56
N CYS A 229 0.31 5.27 -17.23
CA CYS A 229 -0.58 6.27 -16.66
C CYS A 229 -0.08 7.68 -16.91
N ARG A 230 1.24 7.88 -16.80
CA ARG A 230 1.82 9.19 -17.06
C ARG A 230 1.55 9.61 -18.51
N ARG A 231 1.68 8.67 -19.44
CA ARG A 231 1.47 9.00 -20.86
C ARG A 231 0.01 9.34 -21.16
N GLN A 232 -0.93 8.80 -20.37
CA GLN A 232 -2.34 9.10 -20.59
C GLN A 232 -2.69 10.52 -20.16
N PHE A 233 -2.27 10.90 -18.95
CA PHE A 233 -2.65 12.17 -18.34
C PHE A 233 -1.71 13.33 -18.71
N GLN A 234 -0.44 13.03 -19.00
CA GLN A 234 0.53 13.99 -19.55
C GLN A 234 1.01 15.02 -18.52
N GLU A 235 1.89 15.93 -18.96
CA GLU A 235 2.59 16.82 -18.05
C GLU A 235 1.62 17.68 -17.24
N GLY A 236 1.94 17.84 -15.95
CA GLY A 236 1.14 18.63 -15.04
C GLY A 236 -0.06 17.90 -14.45
N GLU A 237 -0.40 16.72 -14.97
CA GLU A 237 -1.60 16.01 -14.53
C GLU A 237 -1.27 14.68 -13.87
N GLU A 238 -0.02 14.49 -13.43
CA GLU A 238 0.38 13.20 -12.86
C GLU A 238 -0.37 12.87 -11.56
N TRP A 239 -0.92 13.87 -10.85
CA TRP A 239 -1.68 13.62 -9.64
C TRP A 239 -2.82 12.62 -9.86
N ASN A 240 -3.32 12.53 -11.10
CA ASN A 240 -4.40 11.60 -11.41
C ASN A 240 -4.03 10.16 -11.12
N CYS A 241 -2.75 9.80 -11.29
CA CYS A 241 -2.26 8.44 -11.10
C CYS A 241 -2.18 8.02 -9.63
N PHE A 242 -2.42 8.94 -8.68
CA PHE A 242 -2.55 8.58 -7.28
C PHE A 242 -3.92 8.01 -6.93
N PHE A 243 -4.86 8.00 -7.88
CA PHE A 243 -6.21 7.53 -7.60
C PHE A 243 -6.40 6.15 -8.23
N GLY A 244 -6.71 5.16 -7.39
CA GLY A 244 -6.73 3.75 -7.82
C GLY A 244 -7.52 3.52 -9.10
N TYR A 245 -8.73 4.07 -9.19
CA TYR A 245 -9.59 3.77 -10.33
C TYR A 245 -9.04 4.31 -11.64
N LYS A 246 -8.08 5.25 -11.61
CA LYS A 246 -7.46 5.78 -12.80
C LYS A 246 -6.13 5.10 -13.14
N VAL A 247 -5.36 4.68 -12.14
CA VAL A 247 -4.05 4.05 -12.39
C VAL A 247 -4.18 2.53 -12.58
N TYR A 248 -5.09 1.89 -11.85
CA TYR A 248 -5.24 0.43 -11.92
C TYR A 248 -5.42 -0.12 -13.34
N PRO A 249 -6.26 0.45 -14.21
CA PRO A 249 -6.40 -0.11 -15.57
C PRO A 249 -5.14 -0.06 -16.41
N THR A 250 -4.13 0.74 -16.03
CA THR A 250 -2.89 0.84 -16.78
C THR A 250 -1.84 -0.18 -16.36
N LEU A 251 -2.07 -0.91 -15.26
CA LEU A 251 -1.06 -1.80 -14.69
C LEU A 251 -1.08 -3.18 -15.36
N ARG A 252 0.11 -3.77 -15.53
CA ARG A 252 0.17 -5.13 -16.08
C ARG A 252 0.33 -6.22 -15.03
N SER A 253 0.89 -5.91 -13.84
CA SER A 253 1.05 -6.95 -12.82
C SER A 253 -0.30 -7.23 -12.16
N PRO A 254 -0.56 -8.49 -11.76
CA PRO A 254 -1.80 -8.78 -11.01
C PRO A 254 -1.84 -8.03 -9.68
N VAL A 255 -2.98 -7.38 -9.40
CA VAL A 255 -3.17 -6.59 -8.17
C VAL A 255 -4.51 -6.94 -7.52
N PHE A 256 -4.46 -7.34 -6.24
CA PHE A 256 -5.66 -7.56 -5.43
C PHE A 256 -5.92 -6.29 -4.61
N VAL A 257 -7.17 -5.78 -4.63
CA VAL A 257 -7.54 -4.52 -4.01
C VAL A 257 -8.42 -4.82 -2.80
N VAL A 258 -7.97 -4.42 -1.61
CA VAL A 258 -8.76 -4.47 -0.38
C VAL A 258 -9.17 -3.04 0.00
N GLN A 259 -10.48 -2.78 0.14
CA GLN A 259 -10.91 -1.40 0.42
C GLN A 259 -12.23 -1.42 1.19
N TRP A 260 -12.23 -0.90 2.42
CA TRP A 260 -13.50 -0.65 3.10
C TRP A 260 -14.33 0.37 2.29
N LEU A 261 -15.64 0.11 2.17
CA LEU A 261 -16.49 1.01 1.39
C LEU A 261 -16.62 2.39 2.05
N PHE A 262 -16.52 2.45 3.37
CA PHE A 262 -16.61 3.71 4.13
C PHE A 262 -15.30 3.92 4.90
N ASP A 263 -14.23 4.14 4.15
CA ASP A 263 -12.91 4.24 4.75
C ASP A 263 -12.76 5.53 5.57
N GLU A 264 -12.19 5.41 6.77
CA GLU A 264 -12.13 6.57 7.68
C GLU A 264 -11.25 7.69 7.15
N ALA A 265 -10.18 7.37 6.42
CA ALA A 265 -9.36 8.45 5.87
C ALA A 265 -10.08 9.16 4.73
N GLN A 266 -10.84 8.41 3.92
CA GLN A 266 -11.66 9.03 2.87
C GLN A 266 -12.66 10.02 3.48
N LEU A 267 -13.34 9.60 4.55
CA LEU A 267 -14.32 10.47 5.22
C LEU A 267 -13.63 11.68 5.86
N THR A 268 -12.44 11.49 6.43
CA THR A 268 -11.70 12.62 7.00
C THR A 268 -11.40 13.67 5.94
N VAL A 269 -10.85 13.25 4.80
CA VAL A 269 -10.58 14.22 3.73
C VAL A 269 -11.87 14.82 3.17
N ASP A 270 -13.01 14.13 3.30
CA ASP A 270 -14.31 14.62 2.88
C ASP A 270 -14.98 15.52 3.92
N ASN A 271 -14.35 15.73 5.08
CA ASN A 271 -14.91 16.57 6.15
C ASN A 271 -16.21 16.01 6.72
N VAL A 272 -16.26 14.69 6.90
CA VAL A 272 -17.37 13.99 7.54
C VAL A 272 -16.89 13.52 8.91
N HIS A 273 -17.62 13.92 9.96
CA HIS A 273 -17.24 13.55 11.32
C HIS A 273 -18.42 13.02 12.11
N VAL A 279 -28.02 11.42 12.19
CA VAL A 279 -27.61 11.70 10.82
C VAL A 279 -28.82 12.19 10.02
N GLN A 280 -28.74 13.40 9.49
CA GLN A 280 -29.87 13.98 8.78
C GLN A 280 -29.81 13.62 7.28
N GLU A 281 -30.85 14.01 6.55
CA GLU A 281 -31.03 13.51 5.18
C GLU A 281 -29.82 13.82 4.30
N GLY A 282 -29.28 15.04 4.37
CA GLY A 282 -28.18 15.39 3.48
C GLY A 282 -26.95 14.51 3.69
N LEU A 283 -26.60 14.26 4.95
CA LEU A 283 -25.43 13.42 5.20
C LEU A 283 -25.72 11.95 4.89
N ARG A 284 -26.96 11.48 5.14
CA ARG A 284 -27.30 10.12 4.78
C ARG A 284 -27.12 9.88 3.29
N LEU A 285 -27.65 10.80 2.47
CA LEU A 285 -27.49 10.69 1.02
C LEU A 285 -26.01 10.73 0.63
N TYR A 286 -25.22 11.59 1.28
CA TYR A 286 -23.79 11.69 0.95
C TYR A 286 -23.06 10.38 1.19
N ILE A 287 -23.29 9.74 2.34
CA ILE A 287 -22.64 8.50 2.70
C ILE A 287 -23.09 7.36 1.78
N GLN A 288 -24.38 7.30 1.47
CA GLN A 288 -24.88 6.27 0.57
C GLN A 288 -24.27 6.43 -0.82
N ASN A 289 -24.15 7.68 -1.29
CA ASN A 289 -23.54 7.94 -2.59
C ASN A 289 -22.07 7.55 -2.61
N LEU A 290 -21.34 7.80 -1.51
CA LEU A 290 -19.93 7.41 -1.46
C LEU A 290 -19.76 5.90 -1.59
N GLY A 291 -20.55 5.13 -0.86
CA GLY A 291 -20.46 3.67 -0.99
C GLY A 291 -20.83 3.19 -2.38
N ARG A 292 -21.85 3.80 -3.00
CA ARG A 292 -22.26 3.44 -4.36
C ARG A 292 -21.15 3.71 -5.37
N GLU A 293 -20.51 4.89 -5.27
CA GLU A 293 -19.44 5.22 -6.21
C GLU A 293 -18.25 4.27 -6.06
N LEU A 294 -17.87 3.96 -4.82
N LEU A 294 -17.88 3.94 -4.81
CA LEU A 294 -16.75 3.04 -4.58
CA LEU A 294 -16.74 3.03 -4.63
C LEU A 294 -17.05 1.66 -5.18
C LEU A 294 -17.04 1.65 -5.18
N ARG A 295 -18.23 1.11 -4.87
CA ARG A 295 -18.69 -0.11 -5.52
C ARG A 295 -18.58 -0.06 -7.05
N HIS A 296 -19.02 1.05 -7.65
CA HIS A 296 -18.94 1.19 -9.10
C HIS A 296 -17.50 1.06 -9.60
N THR A 297 -16.55 1.72 -8.93
CA THR A 297 -15.17 1.69 -9.37
C THR A 297 -14.53 0.30 -9.28
N LEU A 298 -15.07 -0.61 -8.45
CA LEU A 298 -14.52 -1.95 -8.27
C LEU A 298 -15.21 -3.00 -9.13
N LYS A 299 -16.24 -2.60 -9.92
CA LYS A 299 -17.03 -3.59 -10.65
C LYS A 299 -16.17 -4.42 -11.58
N ASP A 300 -15.19 -3.81 -12.24
CA ASP A 300 -14.32 -4.49 -13.19
C ASP A 300 -12.95 -4.82 -12.60
N VAL A 301 -12.85 -4.95 -11.29
CA VAL A 301 -11.60 -5.34 -10.63
C VAL A 301 -11.79 -6.80 -10.17
N PRO A 302 -11.23 -7.79 -10.87
CA PRO A 302 -11.62 -9.18 -10.58
C PRO A 302 -11.06 -9.76 -9.30
N ALA A 303 -10.00 -9.20 -8.73
CA ALA A 303 -9.49 -9.66 -7.44
C ALA A 303 -9.66 -8.51 -6.44
N SER A 304 -10.66 -8.60 -5.58
CA SER A 304 -10.98 -7.48 -4.69
C SER A 304 -11.82 -7.95 -3.50
N PHE A 305 -11.72 -7.19 -2.40
CA PHE A 305 -12.40 -7.52 -1.15
C PHE A 305 -12.82 -6.19 -0.53
N ALA A 306 -14.13 -5.90 -0.49
CA ALA A 306 -14.61 -4.57 -0.16
C ALA A 306 -15.85 -4.60 0.73
N PRO A 307 -15.67 -4.69 2.04
CA PRO A 307 -16.82 -4.82 2.95
C PRO A 307 -17.44 -3.46 3.29
N ALA A 308 -18.72 -3.51 3.63
CA ALA A 308 -19.50 -2.29 3.93
C ALA A 308 -19.35 -1.92 5.41
N CYS A 309 -18.16 -1.40 5.73
CA CYS A 309 -17.78 -1.06 7.11
C CYS A 309 -17.10 0.30 7.15
N LEU A 310 -17.26 0.97 8.29
CA LEU A 310 -16.49 2.16 8.61
C LEU A 310 -15.25 1.70 9.38
N SER A 311 -14.09 1.74 8.72
CA SER A 311 -12.82 1.28 9.32
C SER A 311 -11.67 1.84 8.49
N HIS A 312 -10.44 1.43 8.83
CA HIS A 312 -9.25 1.91 8.12
C HIS A 312 -8.12 0.91 8.31
N GLU A 313 -7.60 0.37 7.20
CA GLU A 313 -6.55 -0.67 7.17
C GLU A 313 -7.04 -2.01 7.68
N ILE A 314 -6.36 -3.09 7.28
CA ILE A 314 -6.70 -4.44 7.73
C ILE A 314 -5.56 -5.46 7.74
N ILE A 315 -4.70 -5.48 6.70
CA ILE A 315 -3.86 -6.67 6.47
C ILE A 315 -2.83 -6.97 7.57
N ILE A 316 -2.31 -5.96 8.29
CA ILE A 316 -1.39 -6.30 9.38
C ILE A 316 -2.03 -6.24 10.77
N ARG A 317 -3.37 -6.18 10.85
CA ARG A 317 -4.03 -6.26 12.15
C ARG A 317 -4.21 -7.72 12.56
N SER A 318 -4.03 -8.00 13.85
CA SER A 318 -4.04 -9.40 14.29
C SER A 318 -5.39 -10.08 14.08
N HIS A 319 -6.49 -9.33 14.09
CA HIS A 319 -7.80 -9.93 13.91
C HIS A 319 -8.32 -9.80 12.47
N TRP A 320 -7.42 -9.82 11.48
CA TRP A 320 -7.81 -9.51 10.11
C TRP A 320 -8.56 -10.72 9.54
N THR A 321 -8.56 -11.85 10.27
CA THR A 321 -9.20 -13.08 9.86
C THR A 321 -10.71 -13.07 10.10
N ASP A 322 -11.22 -12.06 10.81
CA ASP A 322 -12.60 -12.08 11.32
C ASP A 322 -13.63 -11.64 10.28
N VAL A 323 -13.33 -10.64 9.46
N VAL A 323 -13.29 -10.68 9.42
CA VAL A 323 -14.35 -10.09 8.58
CA VAL A 323 -14.26 -10.05 8.51
C VAL A 323 -14.57 -11.02 7.40
C VAL A 323 -14.55 -10.98 7.34
N GLN A 324 -15.82 -11.04 6.92
CA GLN A 324 -16.23 -11.88 5.79
C GLN A 324 -17.17 -11.10 4.87
N VAL A 325 -17.08 -11.38 3.56
CA VAL A 325 -18.02 -10.89 2.56
C VAL A 325 -18.63 -12.11 1.87
N LYS A 326 -19.97 -12.17 1.85
CA LYS A 326 -20.68 -13.33 1.27
C LYS A 326 -20.21 -14.66 1.87
N GLY A 327 -19.78 -14.63 3.13
CA GLY A 327 -19.32 -15.83 3.81
C GLY A 327 -17.87 -16.22 3.62
N THR A 328 -17.07 -15.38 2.94
CA THR A 328 -15.67 -15.68 2.64
C THR A 328 -14.76 -14.67 3.33
N SER A 329 -13.78 -15.16 4.09
CA SER A 329 -12.81 -14.31 4.79
C SER A 329 -11.75 -13.76 3.83
N LEU A 330 -11.02 -12.73 4.29
CA LEU A 330 -9.94 -12.19 3.45
C LEU A 330 -8.81 -13.19 3.24
N PRO A 331 -8.29 -13.88 4.26
CA PRO A 331 -7.28 -14.93 3.99
C PRO A 331 -7.76 -15.97 2.99
N ARG A 332 -9.04 -16.35 3.02
CA ARG A 332 -9.53 -17.30 2.03
C ARG A 332 -9.51 -16.70 0.62
N ALA A 333 -10.03 -15.46 0.49
CA ALA A 333 -10.05 -14.81 -0.82
C ALA A 333 -8.65 -14.71 -1.42
N LEU A 334 -7.65 -14.43 -0.58
CA LEU A 334 -6.26 -14.35 -1.07
C LEU A 334 -5.73 -15.70 -1.50
N HIS A 335 -6.07 -16.77 -0.76
CA HIS A 335 -5.72 -18.13 -1.18
C HIS A 335 -6.37 -18.48 -2.51
N CYS A 336 -7.64 -18.09 -2.71
CA CYS A 336 -8.34 -18.34 -3.97
C CYS A 336 -7.67 -17.59 -5.12
N TRP A 337 -7.18 -16.37 -4.85
CA TRP A 337 -6.41 -15.61 -5.83
C TRP A 337 -5.15 -16.36 -6.25
N ASP A 338 -4.40 -16.90 -5.27
CA ASP A 338 -3.21 -17.71 -5.61
C ASP A 338 -3.59 -18.85 -6.53
N ARG A 339 -4.70 -19.54 -6.24
CA ARG A 339 -5.12 -20.66 -7.08
C ARG A 339 -5.48 -20.20 -8.49
N SER A 340 -6.11 -19.03 -8.61
CA SER A 340 -6.49 -18.53 -9.94
C SER A 340 -5.28 -18.15 -10.78
N LEU A 341 -4.14 -17.85 -10.16
CA LEU A 341 -2.93 -17.47 -10.89
C LEU A 341 -2.04 -18.66 -11.23
N HIS A 342 -2.45 -19.88 -10.88
CA HIS A 342 -1.83 -21.07 -11.46
C HIS A 342 -1.96 -21.05 -12.97
N PRO A 351 -13.54 -19.35 -13.36
CA PRO A 351 -13.78 -19.28 -11.92
C PRO A 351 -13.72 -20.63 -11.20
N LEU A 352 -13.51 -20.59 -9.88
CA LEU A 352 -13.27 -21.78 -9.08
C LEU A 352 -14.50 -22.04 -8.22
N LYS A 353 -14.94 -23.29 -8.20
CA LYS A 353 -16.08 -23.71 -7.41
C LYS A 353 -15.83 -23.40 -5.94
N GLY A 354 -16.67 -22.56 -5.34
CA GLY A 354 -16.55 -22.36 -3.91
C GLY A 354 -15.34 -21.60 -3.42
N CYS A 355 -14.61 -20.93 -4.30
CA CYS A 355 -13.40 -20.25 -3.85
C CYS A 355 -13.32 -18.93 -4.64
N PRO A 356 -14.11 -17.94 -4.23
CA PRO A 356 -14.23 -16.68 -4.98
C PRO A 356 -13.07 -15.73 -4.74
N VAL A 357 -12.90 -14.83 -5.72
CA VAL A 357 -11.82 -13.83 -5.71
C VAL A 357 -12.35 -12.40 -5.80
N HIS A 358 -13.59 -12.19 -6.29
CA HIS A 358 -14.20 -10.86 -6.35
C HIS A 358 -15.33 -10.80 -5.32
N LEU A 359 -15.14 -9.99 -4.27
CA LEU A 359 -16.06 -9.98 -3.11
C LEU A 359 -16.34 -8.53 -2.69
N VAL A 360 -17.48 -7.98 -3.13
CA VAL A 360 -17.85 -6.58 -2.87
C VAL A 360 -19.24 -6.56 -2.26
N ASP A 361 -19.40 -5.94 -1.08
CA ASP A 361 -20.71 -5.88 -0.45
C ASP A 361 -21.65 -5.01 -1.27
N SER A 362 -22.94 -5.37 -1.26
CA SER A 362 -23.95 -4.57 -1.95
C SER A 362 -24.82 -3.76 -1.00
N CYS A 363 -24.79 -4.04 0.30
CA CYS A 363 -25.65 -3.31 1.22
C CYS A 363 -25.10 -1.88 1.45
N PRO A 364 -25.98 -0.90 1.67
CA PRO A 364 -25.61 0.51 1.42
C PRO A 364 -25.22 1.35 2.65
N TRP A 365 -25.04 0.78 3.85
CA TRP A 365 -24.77 1.61 5.05
C TRP A 365 -23.69 0.98 5.92
N PRO A 366 -22.80 1.79 6.57
CA PRO A 366 -21.80 1.19 7.47
C PRO A 366 -22.37 0.19 8.48
N HIS A 367 -21.92 -1.04 8.35
CA HIS A 367 -21.83 -2.09 9.35
C HIS A 367 -23.14 -2.86 9.06
N CYS A 368 -23.71 -2.67 7.86
CA CYS A 368 -24.76 -3.57 7.37
C CYS A 368 -24.25 -4.99 7.16
N ASN A 369 -22.94 -5.16 7.10
CA ASN A 369 -22.28 -6.46 7.16
C ASN A 369 -22.02 -6.80 8.64
N PRO A 370 -22.57 -7.89 9.17
CA PRO A 370 -22.46 -8.14 10.62
C PRO A 370 -21.06 -8.47 11.09
N SER A 371 -20.13 -8.77 10.17
CA SER A 371 -18.78 -9.14 10.56
C SER A 371 -17.82 -7.95 10.63
N CYS A 372 -18.32 -6.72 10.48
CA CYS A 372 -17.46 -5.55 10.50
C CYS A 372 -16.77 -5.42 11.86
N PRO A 373 -15.59 -4.81 11.92
CA PRO A 373 -14.93 -4.59 13.21
C PRO A 373 -15.79 -3.74 14.14
N THR A 374 -15.79 -4.10 15.42
CA THR A 374 -16.58 -3.38 16.43
C THR A 374 -15.71 -2.97 17.60
S SO4 B . 8.63 10.18 17.18
O1 SO4 B . 8.30 9.37 16.01
O2 SO4 B . 10.04 9.98 17.50
O3 SO4 B . 8.36 11.58 16.91
O4 SO4 B . 7.80 9.78 18.32
C1 NAG C . 23.33 3.95 -4.49
C2 NAG C . 23.95 3.42 -5.77
C3 NAG C . 24.07 4.54 -6.79
C4 NAG C . 22.73 5.24 -7.00
C5 NAG C . 22.12 5.65 -5.67
C6 NAG C . 20.69 6.14 -5.81
C7 NAG C . 25.58 1.58 -5.92
C8 NAG C . 26.96 1.12 -5.58
N2 NAG C . 25.25 2.81 -5.52
O3 NAG C . 24.51 3.96 -8.03
O4 NAG C . 22.93 6.42 -7.78
O5 NAG C . 22.07 4.52 -4.77
O6 NAG C . 19.85 5.13 -6.34
O7 NAG C . 24.78 0.86 -6.54
S SO4 D . -22.27 -8.13 -6.41
O1 SO4 D . -22.97 -8.46 -5.17
O2 SO4 D . -21.84 -9.37 -7.06
O3 SO4 D . -23.17 -7.39 -7.30
O4 SO4 D . -21.10 -7.31 -6.11
S SO4 E . 18.71 26.90 -5.19
O1 SO4 E . 17.96 26.55 -6.39
O2 SO4 E . 19.83 25.96 -5.04
O3 SO4 E . 17.85 26.82 -4.03
O4 SO4 E . 19.25 28.25 -5.31
S SO4 F . 13.01 23.45 1.34
O1 SO4 F . 12.44 22.31 2.05
O2 SO4 F . 14.21 23.04 0.63
O3 SO4 F . 12.01 23.97 0.41
O4 SO4 F . 13.35 24.50 2.30
S SO4 G . -34.28 13.12 8.14
O1 SO4 G . -33.31 12.15 8.64
O2 SO4 G . -34.86 12.62 6.90
O3 SO4 G . -35.35 13.34 9.12
O4 SO4 G . -33.59 14.40 7.90
S SO4 H . 23.09 -10.38 9.37
O1 SO4 H . 22.02 -11.24 8.90
O2 SO4 H . 24.11 -11.20 10.01
O3 SO4 H . 22.57 -9.41 10.34
O4 SO4 H . 23.68 -9.65 8.24
S SO4 I . 8.80 3.68 -15.20
O1 SO4 I . 8.13 2.42 -15.52
O2 SO4 I . 9.28 4.30 -16.44
O3 SO4 I . 7.87 4.58 -14.54
O4 SO4 I . 9.94 3.43 -14.32
C1 EDO J . -24.31 17.10 9.53
O1 EDO J . -24.32 18.29 8.74
C2 EDO J . -23.21 17.17 10.57
O2 EDO J . -23.47 18.34 11.36
C1 EDO K . 18.39 -13.60 8.72
O1 EDO K . 18.93 -13.05 7.51
C2 EDO K . 16.88 -13.79 8.58
O2 EDO K . 16.36 -14.38 9.76
C1 EDO L . -3.55 -6.30 -13.92
O1 EDO L . -3.46 -7.63 -14.45
C2 EDO L . -4.70 -6.14 -12.92
O2 EDO L . -4.62 -7.11 -11.86
C1 EDO M . 6.11 -22.86 -0.29
O1 EDO M . 4.68 -22.86 -0.30
C2 EDO M . 6.62 -22.45 -1.66
O2 EDO M . 8.00 -22.10 -1.57
C15 T1W N . -5.85 13.57 -0.36
C01 T1W N . -4.34 8.79 2.77
C02 T1W N . -3.41 9.81 2.13
C03 T1W N . -2.01 9.21 1.97
C04 T1W N . -1.80 8.33 0.80
C05 T1W N . -2.41 8.80 -0.45
C06 T1W N . -3.87 9.17 -0.25
C08 T1W N . -4.64 11.67 0.81
C11 T1W N . -5.40 11.66 -1.69
C12 T1W N . -6.10 12.58 -2.67
C14 T1W N . -7.29 13.50 -0.87
N07 T1W N . -4.03 10.34 0.86
N10 T1W N . -5.27 12.26 -0.38
O09 T1W N . -4.64 12.35 1.78
O13 T1W N . -7.35 13.06 -2.20
#